data_4H75
#
_entry.id   4H75
#
_cell.length_a   122.429
_cell.length_b   42.685
_cell.length_c   50.307
_cell.angle_alpha   90.00
_cell.angle_beta   90.00
_cell.angle_gamma   90.00
#
_symmetry.space_group_name_H-M   'P 21 21 2'
#
loop_
_entity.id
_entity.type
_entity.pdbx_description
1 polymer Spindlin-1
2 polymer 'Histone H3'
3 non-polymer GLYCEROL
4 non-polymer 'SULFATE ION'
5 non-polymer '2-[N-CYCLOHEXYLAMINO]ETHANE SULFONIC ACID'
6 water water
#
loop_
_entity_poly.entity_id
_entity_poly.type
_entity_poly.pdbx_seq_one_letter_code
_entity_poly.pdbx_strand_id
1 'polypeptide(L)'
;GSMKKRTSHKKHRSSVGPSKPVSQPRRNIVGCRIQHGWKEGNGPVTQWKGTVLDQVPVNPSLYLIKYDGFDCVYGLELNK
DERVSALEVLPDRVATSRISDAHLADTMIGKAVEHMFETEDGSKDEWRGMVLARAPVMNTWFYITYEKDPVLYMYQLLDD
YKEGDLRIMPDSNDSPPAEREPGEVVDSLVGKQVEYAKEDGSKRTGMVIHQVEAKPSVYFIKFDDDFHIYVYDLVKTS
;
A
2 'polypeptide(L)' ART(M3L)QTAR B
#
# COMPACT_ATOMS: atom_id res chain seq x y z
N PRO A 21 20.32 -15.02 -22.42
CA PRO A 21 19.13 -14.52 -21.73
C PRO A 21 19.47 -13.98 -20.35
N VAL A 22 20.74 -13.66 -20.15
CA VAL A 22 21.26 -13.31 -18.83
C VAL A 22 20.75 -11.97 -18.30
N SER A 23 20.76 -11.84 -16.97
CA SER A 23 20.53 -10.55 -16.33
C SER A 23 21.47 -10.37 -15.14
N GLN A 24 21.80 -9.11 -14.85
CA GLN A 24 22.66 -8.77 -13.73
C GLN A 24 22.07 -9.30 -12.42
N PRO A 25 22.85 -10.16 -11.72
CA PRO A 25 22.38 -10.72 -10.43
C PRO A 25 22.23 -9.59 -9.42
N ARG A 26 21.05 -9.48 -8.81
CA ARG A 26 20.81 -8.40 -7.87
C ARG A 26 20.47 -8.93 -6.49
N ARG A 27 20.89 -8.20 -5.47
CA ARG A 27 20.42 -8.41 -4.11
C ARG A 27 18.90 -8.24 -4.03
N ASN A 28 18.24 -9.14 -3.31
CA ASN A 28 16.81 -9.00 -3.02
C ASN A 28 16.62 -7.75 -2.17
N ILE A 29 15.78 -6.82 -2.63
CA ILE A 29 15.71 -5.51 -1.97
C ILE A 29 14.47 -5.34 -1.09
N VAL A 30 13.66 -6.39 -1.03
CA VAL A 30 12.54 -6.43 -0.09
C VAL A 30 13.09 -6.26 1.31
N GLY A 31 12.51 -5.36 2.09
CA GLY A 31 13.00 -5.08 3.43
C GLY A 31 13.97 -3.90 3.47
N CYS A 32 14.45 -3.47 2.29
CA CYS A 32 15.43 -2.39 2.23
C CYS A 32 14.84 -0.99 2.24
N ARG A 33 15.60 -0.06 2.80
CA ARG A 33 15.31 1.37 2.66
C ARG A 33 15.94 1.81 1.34
N ILE A 34 15.19 2.60 0.57
CA ILE A 34 15.67 3.08 -0.73
C ILE A 34 15.41 4.57 -0.87
N GLN A 35 16.14 5.18 -1.79
CA GLN A 35 15.80 6.54 -2.20
C GLN A 35 16.08 6.67 -3.69
N HIS A 36 15.32 7.52 -4.36
CA HIS A 36 15.51 7.71 -5.79
C HIS A 36 14.85 8.99 -6.27
N GLY A 37 15.28 9.46 -7.43
CA GLY A 37 14.63 10.56 -8.10
C GLY A 37 13.52 10.00 -8.95
N TRP A 38 12.59 10.86 -9.34
CA TRP A 38 11.50 10.46 -10.20
C TRP A 38 11.26 11.57 -11.20
N LYS A 39 11.29 11.25 -12.49
CA LYS A 39 11.07 12.26 -13.52
C LYS A 39 9.58 12.40 -13.78
N GLU A 40 9.02 13.48 -13.25
CA GLU A 40 7.64 13.83 -13.47
C GLU A 40 7.47 14.08 -14.98
N GLY A 41 6.42 13.54 -15.59
CA GLY A 41 6.12 13.81 -16.99
C GLY A 41 6.12 15.29 -17.30
N ASN A 42 7.03 15.71 -18.18
CA ASN A 42 7.25 17.11 -18.52
C ASN A 42 7.45 18.04 -17.29
N GLY A 43 7.97 17.47 -16.22
CA GLY A 43 8.12 18.20 -14.98
C GLY A 43 9.48 18.02 -14.35
N PRO A 44 9.63 18.50 -13.11
CA PRO A 44 10.91 18.40 -12.39
C PRO A 44 11.18 16.97 -11.93
N VAL A 45 12.42 16.69 -11.60
CA VAL A 45 12.71 15.47 -10.86
C VAL A 45 12.29 15.68 -9.41
N THR A 46 11.50 14.75 -8.88
CA THR A 46 11.14 14.78 -7.48
C THR A 46 11.93 13.70 -6.75
N GLN A 47 12.15 13.88 -5.45
CA GLN A 47 12.94 12.93 -4.65
C GLN A 47 12.07 12.11 -3.70
N TRP A 48 12.38 10.82 -3.59
CA TRP A 48 11.56 9.87 -2.84
C TRP A 48 12.44 8.98 -1.96
N LYS A 49 11.96 8.73 -0.75
CA LYS A 49 12.64 7.84 0.17
C LYS A 49 11.60 6.92 0.80
N GLY A 50 11.86 5.61 0.80
CA GLY A 50 10.87 4.66 1.28
C GLY A 50 11.40 3.31 1.68
N THR A 51 10.47 2.40 1.94
CA THR A 51 10.77 1.05 2.40
C THR A 51 10.14 0.04 1.42
N VAL A 52 10.94 -0.87 0.87
CA VAL A 52 10.40 -1.91 0.00
C VAL A 52 9.71 -2.99 0.85
N LEU A 53 8.40 -3.14 0.63
CA LEU A 53 7.58 -4.01 1.45
C LEU A 53 7.48 -5.40 0.86
N ASP A 54 7.47 -5.49 -0.47
CA ASP A 54 7.17 -6.75 -1.13
C ASP A 54 7.62 -6.74 -2.57
N GLN A 55 7.84 -7.92 -3.12
CA GLN A 55 8.13 -8.13 -4.53
C GLN A 55 7.03 -9.06 -4.99
N VAL A 56 6.25 -8.65 -5.99
CA VAL A 56 5.05 -9.40 -6.38
C VAL A 56 5.37 -10.72 -7.09
N PRO A 57 4.92 -11.84 -6.50
CA PRO A 57 5.23 -13.18 -7.06
C PRO A 57 4.85 -13.36 -8.54
N VAL A 58 3.68 -12.90 -8.95
CA VAL A 58 3.27 -13.05 -10.36
C VAL A 58 3.95 -12.06 -11.30
N ASN A 59 4.63 -11.07 -10.74
CA ASN A 59 5.35 -10.09 -11.53
C ASN A 59 6.55 -9.58 -10.72
N PRO A 60 7.65 -10.34 -10.73
CA PRO A 60 8.81 -10.07 -9.88
C PRO A 60 9.52 -8.74 -10.17
N SER A 61 9.19 -8.09 -11.27
CA SER A 61 9.67 -6.75 -11.56
C SER A 61 8.98 -5.73 -10.68
N LEU A 62 7.81 -6.09 -10.17
CA LEU A 62 6.98 -5.14 -9.44
C LEU A 62 7.19 -5.23 -7.93
N TYR A 63 7.49 -4.08 -7.33
CA TYR A 63 7.66 -3.96 -5.89
C TYR A 63 6.54 -3.09 -5.32
N LEU A 64 6.17 -3.37 -4.07
CA LEU A 64 5.27 -2.50 -3.33
C LEU A 64 6.14 -1.74 -2.37
N ILE A 65 5.99 -0.42 -2.33
CA ILE A 65 6.86 0.44 -1.55
C ILE A 65 6.01 1.38 -0.72
N LYS A 66 6.40 1.55 0.53
CA LYS A 66 5.84 2.58 1.38
C LYS A 66 6.84 3.72 1.44
N TYR A 67 6.46 4.86 0.87
CA TYR A 67 7.33 6.03 0.90
C TYR A 67 7.03 6.88 2.13
N ASP A 68 8.08 7.44 2.72
CA ASP A 68 7.93 8.26 3.92
C ASP A 68 7.12 9.50 3.56
N GLY A 69 6.05 9.75 4.30
CA GLY A 69 5.23 10.93 4.08
C GLY A 69 4.07 10.73 3.13
N PHE A 70 3.94 9.52 2.60
CA PHE A 70 2.87 9.22 1.64
C PHE A 70 2.03 8.05 2.13
N ASP A 71 0.73 8.26 2.35
CA ASP A 71 -0.12 7.26 2.98
C ASP A 71 -0.44 6.07 2.10
N CYS A 72 -0.49 6.28 0.78
CA CYS A 72 -0.77 5.20 -0.17
CA CYS A 72 -0.78 5.21 -0.16
C CYS A 72 0.43 4.31 -0.43
N VAL A 73 0.20 2.99 -0.44
CA VAL A 73 1.23 2.06 -0.89
C VAL A 73 1.31 2.17 -2.42
N TYR A 74 2.52 2.29 -2.97
CA TYR A 74 2.66 2.34 -4.43
C TYR A 74 3.34 1.10 -4.99
N GLY A 75 2.99 0.74 -6.23
CA GLY A 75 3.66 -0.36 -6.90
C GLY A 75 4.49 0.19 -8.05
N LEU A 76 5.79 -0.07 -8.02
CA LEU A 76 6.72 0.37 -9.05
C LEU A 76 7.61 -0.76 -9.52
N GLU A 77 7.88 -0.79 -10.81
CA GLU A 77 8.94 -1.64 -11.34
C GLU A 77 10.22 -0.85 -11.22
N LEU A 78 10.76 -0.88 -9.99
CA LEU A 78 11.89 -0.04 -9.58
C LEU A 78 13.13 -0.08 -10.47
N ASN A 79 13.48 -1.27 -10.95
CA ASN A 79 14.71 -1.44 -11.71
C ASN A 79 14.48 -1.24 -13.20
N LYS A 80 13.22 -1.23 -13.60
CA LYS A 80 12.86 -1.17 -15.02
C LYS A 80 12.28 0.18 -15.46
N ASP A 81 11.61 0.87 -14.55
CA ASP A 81 10.93 2.11 -14.95
C ASP A 81 11.94 3.21 -15.26
N GLU A 82 11.90 3.71 -16.48
CA GLU A 82 12.89 4.70 -16.92
C GLU A 82 12.72 6.07 -16.23
N ARG A 83 11.61 6.27 -15.54
CA ARG A 83 11.40 7.50 -14.77
C ARG A 83 12.15 7.51 -13.43
N VAL A 84 12.53 6.33 -12.95
CA VAL A 84 13.34 6.21 -11.75
C VAL A 84 14.76 6.62 -12.08
N SER A 85 15.36 7.45 -11.24
CA SER A 85 16.77 7.83 -11.44
C SER A 85 17.53 7.74 -10.11
N ALA A 86 18.85 7.54 -10.21
CA ALA A 86 19.72 7.52 -9.04
C ALA A 86 19.18 6.64 -7.90
N LEU A 87 18.63 5.48 -8.26
CA LEU A 87 18.09 4.56 -7.28
C LEU A 87 19.20 4.09 -6.36
N GLU A 88 19.06 4.37 -5.07
CA GLU A 88 20.03 3.94 -4.08
C GLU A 88 19.37 3.03 -3.06
N VAL A 89 19.91 1.83 -2.92
CA VAL A 89 19.51 0.91 -1.87
C VAL A 89 20.38 1.22 -0.66
N LEU A 90 19.78 1.66 0.43
CA LEU A 90 20.56 2.16 1.56
C LEU A 90 21.00 1.02 2.48
N PRO A 91 22.07 1.21 3.24
CA PRO A 91 22.37 0.17 4.23
C PRO A 91 21.45 0.28 5.46
N ASP A 92 20.70 1.37 5.59
CA ASP A 92 19.84 1.57 6.76
C ASP A 92 19.00 0.34 7.08
N ARG A 93 19.10 -0.16 8.30
CA ARG A 93 18.29 -1.33 8.63
C ARG A 93 17.00 -0.98 9.37
N VAL A 94 15.89 -1.46 8.83
CA VAL A 94 14.60 -1.29 9.48
C VAL A 94 14.56 -2.10 10.76
N ALA A 95 14.14 -1.47 11.85
CA ALA A 95 14.12 -2.12 13.15
C ALA A 95 13.24 -3.36 13.17
N THR A 96 13.71 -4.38 13.89
CA THR A 96 12.93 -5.59 14.11
C THR A 96 11.93 -5.37 15.25
N SER A 97 11.00 -4.45 15.01
CA SER A 97 10.08 -3.98 16.04
C SER A 97 9.16 -5.07 16.58
N ARG A 98 9.33 -5.41 17.86
CA ARG A 98 8.42 -6.35 18.51
C ARG A 98 7.05 -5.70 18.62
N ILE A 99 6.02 -6.51 18.49
CA ILE A 99 4.65 -6.01 18.49
C ILE A 99 4.14 -5.82 19.92
N SER A 100 3.73 -4.60 20.23
CA SER A 100 3.31 -4.24 21.58
C SER A 100 2.05 -4.98 22.02
N ASP A 101 0.99 -4.84 21.22
CA ASP A 101 -0.28 -5.50 21.50
C ASP A 101 -0.58 -6.47 20.38
N ALA A 102 0.12 -7.60 20.37
CA ALA A 102 -0.06 -8.61 19.35
C ALA A 102 -1.51 -9.06 19.28
N HIS A 103 -2.16 -9.17 20.43
CA HIS A 103 -3.56 -9.59 20.49
C HIS A 103 -4.50 -8.64 19.78
N LEU A 104 -4.42 -7.37 20.15
CA LEU A 104 -5.26 -6.34 19.56
C LEU A 104 -5.01 -6.26 18.06
N ALA A 105 -3.75 -6.25 17.67
CA ALA A 105 -3.36 -6.20 16.27
C ALA A 105 -3.94 -7.37 15.47
N ASP A 106 -3.72 -8.58 15.97
CA ASP A 106 -4.15 -9.80 15.30
C ASP A 106 -5.66 -9.87 15.09
N THR A 107 -6.40 -9.28 16.01
CA THR A 107 -7.86 -9.34 15.94
C THR A 107 -8.48 -8.23 15.08
N MET A 108 -7.71 -7.19 14.79
CA MET A 108 -8.19 -6.12 13.92
C MET A 108 -8.23 -6.59 12.47
N ILE A 109 -7.41 -7.59 12.17
CA ILE A 109 -7.24 -8.05 10.79
C ILE A 109 -8.51 -8.63 10.20
N GLY A 110 -8.95 -8.06 9.07
CA GLY A 110 -10.13 -8.53 8.39
C GLY A 110 -11.41 -7.86 8.86
N LYS A 111 -11.29 -7.00 9.86
CA LYS A 111 -12.44 -6.32 10.45
C LYS A 111 -12.81 -5.04 9.69
N ALA A 112 -14.11 -4.81 9.54
CA ALA A 112 -14.61 -3.53 9.08
C ALA A 112 -14.35 -2.53 10.19
N VAL A 113 -14.03 -1.29 9.81
CA VAL A 113 -13.70 -0.27 10.80
C VAL A 113 -14.31 1.08 10.45
N GLU A 114 -14.45 1.93 11.45
CA GLU A 114 -14.77 3.32 11.22
C GLU A 114 -13.55 4.12 11.65
N HIS A 115 -12.88 4.74 10.68
CA HIS A 115 -11.57 5.36 10.91
C HIS A 115 -11.69 6.88 10.90
N MET A 116 -11.47 7.48 12.06
CA MET A 116 -11.59 8.92 12.26
C MET A 116 -10.38 9.71 11.77
N PHE A 117 -10.61 10.65 10.86
CA PHE A 117 -9.56 11.54 10.39
C PHE A 117 -9.88 12.98 10.77
N GLU A 118 -8.98 13.89 10.42
CA GLU A 118 -9.22 15.32 10.61
C GLU A 118 -9.19 16.06 9.29
N THR A 119 -10.10 17.04 9.15
CA THR A 119 -10.14 17.87 7.96
C THR A 119 -9.09 18.97 8.05
N GLU A 120 -9.04 19.81 7.02
CA GLU A 120 -8.16 20.97 7.00
C GLU A 120 -8.45 21.89 8.18
N ASP A 121 -9.73 22.23 8.36
CA ASP A 121 -10.17 23.10 9.43
C ASP A 121 -10.31 22.37 10.76
N GLY A 122 -9.77 21.16 10.81
CA GLY A 122 -9.76 20.38 12.04
C GLY A 122 -11.06 19.67 12.37
N SER A 123 -12.08 19.87 11.55
CA SER A 123 -13.37 19.22 11.79
C SER A 123 -13.27 17.70 11.57
N LYS A 124 -14.12 16.96 12.26
CA LYS A 124 -14.10 15.50 12.18
C LYS A 124 -14.45 15.00 10.78
N ASP A 125 -13.96 13.81 10.44
CA ASP A 125 -14.12 13.26 9.11
C ASP A 125 -13.94 11.74 9.18
N GLU A 126 -15.04 11.00 9.32
CA GLU A 126 -14.97 9.56 9.51
C GLU A 126 -15.10 8.77 8.20
N TRP A 127 -14.24 7.77 8.05
CA TRP A 127 -14.17 6.97 6.84
C TRP A 127 -14.39 5.51 7.17
N ARG A 128 -15.37 4.88 6.53
CA ARG A 128 -15.54 3.44 6.65
C ARG A 128 -14.46 2.70 5.87
N GLY A 129 -13.88 1.68 6.48
CA GLY A 129 -12.87 0.89 5.81
C GLY A 129 -12.77 -0.53 6.32
N MET A 130 -11.70 -1.20 5.91
CA MET A 130 -11.40 -2.55 6.36
C MET A 130 -9.91 -2.75 6.56
N VAL A 131 -9.53 -3.31 7.70
CA VAL A 131 -8.12 -3.62 7.95
C VAL A 131 -7.79 -4.93 7.27
N LEU A 132 -6.75 -4.91 6.44
CA LEU A 132 -6.49 -6.05 5.55
C LEU A 132 -5.47 -7.02 6.12
N ALA A 133 -4.45 -6.46 6.78
CA ALA A 133 -3.29 -7.24 7.16
C ALA A 133 -2.34 -6.36 7.94
N ARG A 134 -1.46 -6.99 8.71
CA ARG A 134 -0.27 -6.31 9.18
C ARG A 134 0.65 -6.16 7.97
N ALA A 135 1.27 -5.00 7.81
CA ALA A 135 2.18 -4.79 6.69
C ALA A 135 3.44 -5.63 6.84
N PRO A 136 3.96 -6.19 5.74
CA PRO A 136 5.27 -6.82 5.85
C PRO A 136 6.35 -5.77 6.13
N VAL A 137 7.47 -6.20 6.71
CA VAL A 137 8.63 -5.34 6.96
C VAL A 137 8.39 -4.26 8.03
N MET A 138 7.50 -3.32 7.75
CA MET A 138 7.11 -2.32 8.75
C MET A 138 5.92 -2.88 9.52
N ASN A 139 6.19 -3.83 10.41
CA ASN A 139 5.13 -4.67 10.96
C ASN A 139 4.37 -4.10 12.18
N THR A 140 4.66 -2.86 12.56
CA THR A 140 3.77 -2.11 13.43
C THR A 140 2.78 -1.26 12.62
N TRP A 141 2.90 -1.34 11.31
CA TRP A 141 1.98 -0.68 10.40
C TRP A 141 0.98 -1.70 9.85
N PHE A 142 -0.15 -1.21 9.38
CA PHE A 142 -1.22 -2.05 8.85
C PHE A 142 -1.66 -1.61 7.47
N TYR A 143 -1.94 -2.60 6.61
CA TYR A 143 -2.67 -2.43 5.37
C TYR A 143 -4.15 -2.16 5.65
N ILE A 144 -4.70 -1.11 5.05
CA ILE A 144 -6.11 -0.78 5.21
C ILE A 144 -6.64 -0.16 3.93
N THR A 145 -7.90 -0.44 3.59
CA THR A 145 -8.50 0.24 2.46
C THR A 145 -9.84 0.84 2.86
N TYR A 146 -10.42 1.66 1.99
CA TYR A 146 -11.64 2.37 2.35
C TYR A 146 -12.76 2.18 1.35
N GLU A 147 -13.97 2.09 1.87
CA GLU A 147 -15.15 1.94 1.05
C GLU A 147 -15.23 3.03 -0.02
N LYS A 148 -14.90 4.27 0.34
CA LYS A 148 -15.03 5.39 -0.60
C LYS A 148 -13.70 5.73 -1.26
N ASP A 149 -12.64 5.02 -0.89
CA ASP A 149 -11.35 5.15 -1.59
C ASP A 149 -10.63 3.81 -1.56
N PRO A 150 -10.98 2.92 -2.51
CA PRO A 150 -10.53 1.53 -2.49
C PRO A 150 -9.11 1.31 -3.01
N VAL A 151 -8.14 2.06 -2.49
CA VAL A 151 -6.75 1.73 -2.74
C VAL A 151 -6.06 1.35 -1.44
N LEU A 152 -4.83 0.88 -1.54
CA LEU A 152 -4.16 0.34 -0.38
C LEU A 152 -3.46 1.45 0.38
N TYR A 153 -3.83 1.58 1.66
CA TYR A 153 -3.22 2.55 2.56
C TYR A 153 -2.45 1.84 3.64
N MET A 154 -1.66 2.60 4.37
CA MET A 154 -0.82 2.01 5.40
C MET A 154 -0.63 2.98 6.54
N TYR A 155 -1.04 2.57 7.74
CA TYR A 155 -0.89 3.39 8.95
C TYR A 155 -0.53 2.56 10.17
N GLN A 156 0.04 3.21 11.18
CA GLN A 156 0.18 2.60 12.49
C GLN A 156 -1.14 2.70 13.27
N LEU A 157 -2.08 1.83 12.91
CA LEU A 157 -3.47 1.87 13.41
C LEU A 157 -3.65 1.67 14.91
N LEU A 158 -2.69 1.01 15.56
CA LEU A 158 -2.77 0.84 17.02
C LEU A 158 -2.75 2.20 17.70
N ASP A 159 -2.08 3.16 17.08
CA ASP A 159 -2.10 4.53 17.59
C ASP A 159 -3.49 5.12 17.48
N ASP A 160 -4.11 5.02 16.30
CA ASP A 160 -5.47 5.54 16.15
C ASP A 160 -6.43 4.87 17.14
N TYR A 161 -6.24 3.56 17.32
CA TYR A 161 -7.12 2.78 18.19
C TYR A 161 -7.04 3.26 19.63
N LYS A 162 -5.82 3.40 20.13
CA LYS A 162 -5.59 3.82 21.51
C LYS A 162 -6.12 5.22 21.79
N GLU A 163 -6.15 6.05 20.73
CA GLU A 163 -6.62 7.43 20.89
CA GLU A 163 -6.62 7.42 20.85
C GLU A 163 -8.13 7.56 20.62
N GLY A 164 -8.79 6.45 20.37
CA GLY A 164 -10.22 6.44 20.14
C GLY A 164 -10.66 6.91 18.75
N ASP A 165 -9.74 6.82 17.79
CA ASP A 165 -10.01 7.27 16.41
C ASP A 165 -10.20 6.10 15.44
N LEU A 166 -10.40 4.91 15.98
CA LEU A 166 -10.59 3.71 15.17
C LEU A 166 -11.57 2.77 15.86
N ARG A 167 -12.78 2.67 15.32
CA ARG A 167 -13.80 1.81 15.91
C ARG A 167 -13.97 0.54 15.09
N ILE A 168 -13.95 -0.61 15.76
CA ILE A 168 -14.09 -1.89 15.07
C ILE A 168 -15.53 -2.37 15.04
N MET A 169 -15.95 -2.92 13.90
CA MET A 169 -17.33 -3.36 13.72
C MET A 169 -17.46 -4.88 13.81
N PRO A 170 -18.62 -5.37 14.29
CA PRO A 170 -18.88 -6.81 14.38
C PRO A 170 -19.09 -7.45 13.00
N ASP A 187 -9.79 -21.61 -4.53
CA ASP A 187 -8.84 -21.20 -5.56
C ASP A 187 -8.52 -19.71 -5.45
N SER A 188 -7.46 -19.30 -6.12
CA SER A 188 -7.06 -17.91 -6.11
C SER A 188 -7.15 -17.30 -7.50
N LEU A 189 -7.72 -16.10 -7.57
CA LEU A 189 -7.85 -15.38 -8.83
C LEU A 189 -6.54 -14.68 -9.21
N VAL A 190 -5.52 -14.85 -8.39
CA VAL A 190 -4.24 -14.18 -8.62
C VAL A 190 -3.62 -14.63 -9.94
N GLY A 191 -3.21 -13.67 -10.76
CA GLY A 191 -2.64 -13.97 -12.06
C GLY A 191 -3.61 -13.67 -13.17
N LYS A 192 -4.89 -13.53 -12.82
CA LYS A 192 -5.91 -13.24 -13.82
C LYS A 192 -5.94 -11.76 -14.17
N GLN A 193 -6.52 -11.46 -15.32
CA GLN A 193 -6.69 -10.09 -15.80
C GLN A 193 -8.08 -9.63 -15.45
N VAL A 194 -8.22 -8.35 -15.13
CA VAL A 194 -9.53 -7.77 -14.90
C VAL A 194 -9.61 -6.47 -15.69
N GLU A 195 -10.81 -6.13 -16.13
CA GLU A 195 -11.04 -4.88 -16.83
C GLU A 195 -11.93 -4.01 -15.96
N TYR A 196 -11.57 -2.74 -15.80
CA TYR A 196 -12.49 -1.85 -15.14
C TYR A 196 -12.96 -0.70 -16.04
N ALA A 197 -14.26 -0.39 -15.92
CA ALA A 197 -14.84 0.70 -16.68
C ALA A 197 -14.52 2.01 -15.99
N LYS A 198 -13.67 2.81 -16.63
CA LYS A 198 -13.24 4.07 -16.06
C LYS A 198 -14.39 5.08 -16.09
N GLU A 199 -14.56 5.81 -14.98
CA GLU A 199 -15.68 6.75 -14.82
C GLU A 199 -15.70 7.83 -15.90
N ASP A 200 -14.55 8.10 -16.51
CA ASP A 200 -14.46 9.06 -17.60
C ASP A 200 -14.68 8.38 -18.96
N GLY A 201 -15.67 7.49 -19.01
CA GLY A 201 -16.04 6.79 -20.24
C GLY A 201 -14.89 6.07 -20.92
N SER A 202 -14.31 5.08 -20.24
CA SER A 202 -13.16 4.38 -20.76
C SER A 202 -12.95 3.03 -20.06
N LYS A 203 -12.01 2.23 -20.57
CA LYS A 203 -11.72 0.93 -19.97
C LYS A 203 -10.23 0.73 -19.75
N ARG A 204 -9.87 -0.06 -18.73
CA ARG A 204 -8.48 -0.38 -18.48
C ARG A 204 -8.31 -1.80 -17.95
N THR A 205 -7.14 -2.38 -18.21
CA THR A 205 -6.84 -3.74 -17.77
C THR A 205 -5.78 -3.80 -16.66
N GLY A 206 -6.07 -4.62 -15.65
CA GLY A 206 -5.17 -4.80 -14.54
C GLY A 206 -4.90 -6.28 -14.30
N MET A 207 -3.98 -6.57 -13.40
CA MET A 207 -3.70 -7.93 -13.02
C MET A 207 -4.04 -8.11 -11.55
N VAL A 208 -4.62 -9.25 -11.20
CA VAL A 208 -4.83 -9.58 -9.80
C VAL A 208 -3.47 -10.03 -9.27
N ILE A 209 -2.92 -9.30 -8.31
CA ILE A 209 -1.55 -9.55 -7.88
C ILE A 209 -1.42 -10.21 -6.50
N HIS A 210 -2.49 -10.19 -5.72
CA HIS A 210 -2.40 -10.66 -4.34
C HIS A 210 -3.77 -10.98 -3.77
N GLN A 211 -3.85 -12.05 -2.99
CA GLN A 211 -5.06 -12.39 -2.26
C GLN A 211 -4.88 -12.05 -0.79
N VAL A 212 -5.82 -11.30 -0.22
CA VAL A 212 -5.77 -10.99 1.21
C VAL A 212 -6.06 -12.23 2.03
N GLU A 213 -5.11 -12.61 2.88
CA GLU A 213 -5.24 -13.85 3.64
C GLU A 213 -6.45 -13.88 4.57
N ALA A 214 -6.70 -12.79 5.28
CA ALA A 214 -7.80 -12.76 6.24
C ALA A 214 -9.16 -12.73 5.56
N LYS A 215 -9.19 -12.25 4.32
CA LYS A 215 -10.42 -12.23 3.53
C LYS A 215 -10.12 -12.60 2.09
N PRO A 216 -10.16 -13.91 1.80
CA PRO A 216 -9.70 -14.52 0.54
C PRO A 216 -10.52 -14.12 -0.70
N SER A 217 -11.63 -13.43 -0.51
CA SER A 217 -12.42 -12.94 -1.64
C SER A 217 -11.98 -11.52 -2.00
N VAL A 218 -11.08 -10.97 -1.19
CA VAL A 218 -10.55 -9.63 -1.43
C VAL A 218 -9.15 -9.73 -2.00
N TYR A 219 -8.89 -8.96 -3.06
CA TYR A 219 -7.63 -9.03 -3.80
C TYR A 219 -7.04 -7.66 -4.07
N PHE A 220 -5.72 -7.64 -4.31
CA PHE A 220 -5.04 -6.43 -4.76
C PHE A 220 -4.94 -6.49 -6.27
N ILE A 221 -5.20 -5.35 -6.91
CA ILE A 221 -5.11 -5.28 -8.37
C ILE A 221 -4.14 -4.16 -8.77
N LYS A 222 -3.30 -4.43 -9.76
CA LYS A 222 -2.43 -3.40 -10.32
C LYS A 222 -2.82 -3.14 -11.75
N PHE A 223 -3.15 -1.89 -12.07
CA PHE A 223 -3.43 -1.49 -13.45
C PHE A 223 -2.19 -0.86 -14.04
N ASP A 224 -1.99 -1.05 -15.34
CA ASP A 224 -0.90 -0.37 -16.04
C ASP A 224 -1.13 1.13 -15.97
N ASP A 225 -0.03 1.88 -15.94
CA ASP A 225 -0.08 3.34 -15.93
C ASP A 225 -0.78 3.93 -14.71
N ASP A 226 -0.81 3.18 -13.62
CA ASP A 226 -1.36 3.67 -12.37
C ASP A 226 -0.55 3.01 -11.24
N PHE A 227 0.02 3.83 -10.36
CA PHE A 227 0.89 3.38 -9.28
C PHE A 227 0.16 2.84 -8.07
N HIS A 228 -1.15 3.11 -7.97
CA HIS A 228 -1.90 2.70 -6.80
C HIS A 228 -2.18 1.20 -6.80
N ILE A 229 -2.39 0.65 -5.62
CA ILE A 229 -2.80 -0.74 -5.51
C ILE A 229 -4.29 -0.72 -5.18
N TYR A 230 -5.10 -1.25 -6.09
CA TYR A 230 -6.55 -1.25 -5.91
C TYR A 230 -6.96 -2.48 -5.12
N VAL A 231 -7.92 -2.30 -4.23
CA VAL A 231 -8.39 -3.38 -3.38
C VAL A 231 -9.87 -3.59 -3.65
N TYR A 232 -10.21 -4.78 -4.14
CA TYR A 232 -11.57 -5.08 -4.55
C TYR A 232 -12.00 -6.44 -4.01
N ASP A 233 -13.27 -6.55 -3.65
CA ASP A 233 -13.85 -7.86 -3.35
C ASP A 233 -14.26 -8.48 -4.68
N LEU A 234 -13.67 -9.63 -5.01
CA LEU A 234 -13.90 -10.24 -6.31
C LEU A 234 -14.89 -11.39 -6.26
N VAL A 235 -15.69 -11.46 -5.19
CA VAL A 235 -16.75 -12.46 -5.11
C VAL A 235 -18.10 -11.82 -4.80
N ALA B 1 -6.63 13.33 15.69
CA ALA B 1 -6.75 12.32 14.65
C ALA B 1 -5.84 12.67 13.48
N ARG B 2 -5.60 11.70 12.59
CA ARG B 2 -4.74 11.92 11.44
C ARG B 2 -5.38 12.93 10.51
N THR B 3 -4.53 13.65 9.80
CA THR B 3 -5.00 14.52 8.76
C THR B 3 -5.01 13.73 7.47
N GLN B 5 -4.67 13.11 3.67
CA GLN B 5 -4.00 13.69 2.52
C GLN B 5 -4.99 13.71 1.35
N THR B 6 -5.29 14.90 0.82
CA THR B 6 -6.33 15.03 -0.19
C THR B 6 -5.90 14.48 -1.55
N ALA B 7 -4.59 14.46 -1.77
CA ALA B 7 -4.04 13.90 -3.00
C ALA B 7 -3.20 12.68 -2.69
N ARG B 8 -3.04 11.80 -3.69
CA ARG B 8 -2.34 10.55 -3.48
C ARG B 8 -2.04 9.82 -4.79
#